data_1L5L
#
_entry.id   1L5L
#
_cell.length_a   71.640
_cell.length_b   89.890
_cell.length_c   47.690
_cell.angle_alpha   90.00
_cell.angle_beta   90.00
_cell.angle_gamma   90.00
#
_symmetry.space_group_name_H-M   'P 21 21 2'
#
loop_
_entity.id
_entity.type
_entity.pdbx_description
1 polymer 'Nicotinate-nucleotide--dimethylbenzimidazole phosphoribosyltransferase'
2 non-polymer "7-ALPHA-D-RIBOFURANOSYL-PURINE-5'-PHOSPHATE"
3 non-polymer 'NICOTINIC ACID'
4 water water
#
_entity_poly.entity_id   1
_entity_poly.type   'polypeptide(L)'
_entity_poly.pdbx_seq_one_letter_code
;MQTLHALLRDIPAPDAEAMARTQQHIDGLLKPPGSLGRLETLAVQLAGMPGLNGTPQVGEKAVLVMCADHGVWDEGVAVS
PKIVTAIQAANMTRGTTGVCVLAAQAGAKVHVIDVGIDAEPIPGVVNMRVARGCGNIAVGPAMSRLQAEALLLEVSRYTC
DLAQRGVTLFGVGELGMANTTPAAAMVSVFTGSDAKEVVGIGANLPPSRIDNKVDVVRRAIAINQPNPRDGIDVLSKVGG
FDLVGMTGVMLGAARCGLPVLLDGFLSYSAALAACQIAPAVRPYLIPSHFSAEKGARIALAHLSMEPYLHMAMRLGEGSG
AALAMPIVEAACAMFHNMGELAASNIVLPEGNANAT
;
_entity_poly.pdbx_strand_id   A
#
# COMPACT_ATOMS: atom_id res chain seq x y z
N THR A 3 -8.78 -6.45 -20.50
CA THR A 3 -7.53 -7.21 -20.22
C THR A 3 -6.62 -6.42 -19.29
N LEU A 4 -5.67 -7.13 -18.67
CA LEU A 4 -4.74 -6.49 -17.75
C LEU A 4 -3.73 -5.69 -18.56
N HIS A 5 -3.45 -6.14 -19.77
CA HIS A 5 -2.51 -5.46 -20.64
C HIS A 5 -3.02 -4.06 -20.96
N ALA A 6 -4.32 -3.96 -21.24
CA ALA A 6 -4.95 -2.68 -21.55
C ALA A 6 -4.81 -1.75 -20.35
N LEU A 7 -5.16 -2.28 -19.18
CA LEU A 7 -5.07 -1.55 -17.93
C LEU A 7 -3.70 -0.94 -17.71
N LEU A 8 -2.67 -1.78 -17.80
CA LEU A 8 -1.31 -1.32 -17.59
C LEU A 8 -0.88 -0.31 -18.64
N ARG A 9 -1.31 -0.54 -19.88
CA ARG A 9 -0.99 0.32 -20.99
C ARG A 9 -1.62 1.71 -20.86
N ASP A 10 -2.78 1.79 -20.23
CA ASP A 10 -3.51 3.04 -20.07
C ASP A 10 -3.20 3.88 -18.83
N ILE A 11 -2.20 3.49 -18.04
CA ILE A 11 -1.85 4.28 -16.87
C ILE A 11 -1.24 5.57 -17.39
N PRO A 12 -1.84 6.71 -17.05
CA PRO A 12 -1.30 7.99 -17.53
C PRO A 12 0.00 8.48 -16.90
N ALA A 13 0.80 9.20 -17.68
CA ALA A 13 2.03 9.74 -17.16
C ALA A 13 1.65 11.02 -16.40
N PRO A 14 2.52 11.50 -15.50
CA PRO A 14 2.23 12.73 -14.74
C PRO A 14 2.17 13.94 -15.68
N ASP A 15 1.32 14.91 -15.34
CA ASP A 15 1.14 16.13 -16.14
C ASP A 15 2.21 17.16 -15.73
N ALA A 16 3.30 17.23 -16.51
CA ALA A 16 4.39 18.15 -16.20
C ALA A 16 3.97 19.61 -16.26
N GLU A 17 3.00 19.93 -17.12
CA GLU A 17 2.53 21.29 -17.27
C GLU A 17 1.88 21.77 -15.99
N ALA A 18 1.02 20.94 -15.41
CA ALA A 18 0.35 21.30 -14.15
C ALA A 18 1.38 21.41 -13.03
N MET A 19 2.38 20.53 -13.02
CA MET A 19 3.42 20.56 -12.01
C MET A 19 4.25 21.84 -12.08
N ALA A 20 4.56 22.31 -13.28
CA ALA A 20 5.33 23.55 -13.45
C ALA A 20 4.54 24.72 -12.88
N ARG A 21 3.24 24.76 -13.18
CA ARG A 21 2.42 25.85 -12.67
C ARG A 21 2.33 25.77 -11.15
N THR A 22 2.37 24.56 -10.63
CA THR A 22 2.29 24.36 -9.18
C THR A 22 3.54 24.92 -8.50
N GLN A 23 4.69 24.50 -9.01
CA GLN A 23 5.95 24.94 -8.47
C GLN A 23 6.02 26.46 -8.46
N GLN A 24 5.68 27.09 -9.59
CA GLN A 24 5.71 28.56 -9.63
C GLN A 24 4.82 29.17 -8.56
N HIS A 25 3.62 28.63 -8.39
CA HIS A 25 2.69 29.16 -7.39
C HIS A 25 3.22 29.02 -5.96
N ILE A 26 3.77 27.84 -5.66
CA ILE A 26 4.31 27.58 -4.34
C ILE A 26 5.48 28.50 -4.04
N ASP A 27 6.30 28.77 -5.04
CA ASP A 27 7.45 29.64 -4.86
C ASP A 27 7.03 31.07 -4.54
N GLY A 28 5.83 31.45 -4.98
CA GLY A 28 5.35 32.79 -4.74
C GLY A 28 4.59 32.99 -3.44
N LEU A 29 4.46 31.93 -2.65
CA LEU A 29 3.72 32.02 -1.39
C LEU A 29 4.47 32.81 -0.32
N LEU A 30 3.72 33.29 0.68
CA LEU A 30 4.25 34.11 1.77
C LEU A 30 5.26 33.41 2.67
N LYS A 31 6.41 33.06 2.12
CA LYS A 31 7.42 32.34 2.88
C LYS A 31 8.71 32.26 2.10
N PRO A 32 9.83 31.97 2.78
CA PRO A 32 11.11 31.85 2.07
C PRO A 32 10.93 30.66 1.12
N PRO A 33 11.37 30.82 -0.14
CA PRO A 33 11.25 29.75 -1.14
C PRO A 33 11.84 28.43 -0.62
N GLY A 34 11.06 27.36 -0.79
CA GLY A 34 11.47 26.03 -0.36
C GLY A 34 11.43 25.76 1.13
N SER A 35 11.04 26.75 1.94
CA SER A 35 11.04 26.58 3.39
C SER A 35 10.08 25.54 3.95
N LEU A 36 9.07 25.15 3.18
CA LEU A 36 8.13 24.14 3.67
C LEU A 36 8.53 22.73 3.21
N GLY A 37 9.77 22.63 2.72
CA GLY A 37 10.33 21.36 2.28
C GLY A 37 9.50 20.29 1.57
N ARG A 38 9.36 19.15 2.21
CA ARG A 38 8.64 18.03 1.62
C ARG A 38 7.14 18.25 1.46
N LEU A 39 6.61 19.25 2.15
CA LEU A 39 5.20 19.58 2.01
C LEU A 39 5.04 20.22 0.62
N GLU A 40 6.05 20.97 0.17
CA GLU A 40 6.00 21.60 -1.16
C GLU A 40 6.14 20.54 -2.26
N THR A 41 7.07 19.61 -2.06
CA THR A 41 7.30 18.53 -2.99
C THR A 41 6.05 17.68 -3.13
N LEU A 42 5.39 17.41 -2.02
CA LEU A 42 4.17 16.63 -2.03
C LEU A 42 3.07 17.33 -2.85
N ALA A 43 2.91 18.64 -2.64
CA ALA A 43 1.88 19.39 -3.37
C ALA A 43 2.11 19.31 -4.89
N VAL A 44 3.36 19.43 -5.31
CA VAL A 44 3.69 19.37 -6.74
C VAL A 44 3.39 17.97 -7.28
N GLN A 45 3.75 16.95 -6.51
CA GLN A 45 3.49 15.57 -6.93
C GLN A 45 1.99 15.38 -7.22
N LEU A 46 1.17 15.82 -6.28
CA LEU A 46 -0.28 15.72 -6.40
C LEU A 46 -0.79 16.47 -7.62
N ALA A 47 -0.21 17.64 -7.88
CA ALA A 47 -0.61 18.46 -9.02
C ALA A 47 -0.41 17.74 -10.35
N GLY A 48 0.55 16.82 -10.38
CA GLY A 48 0.80 16.09 -11.62
C GLY A 48 -0.12 14.92 -11.88
N MET A 49 -0.92 14.55 -10.89
CA MET A 49 -1.83 13.40 -11.02
C MET A 49 -3.11 13.82 -11.76
N PRO A 50 -3.29 13.35 -12.99
CA PRO A 50 -4.45 13.68 -13.83
C PRO A 50 -5.83 13.58 -13.19
N GLY A 51 -6.01 12.65 -12.25
CA GLY A 51 -7.31 12.53 -11.60
C GLY A 51 -7.65 13.67 -10.66
N LEU A 52 -6.66 14.50 -10.33
CA LEU A 52 -6.86 15.61 -9.41
C LEU A 52 -7.14 16.94 -10.08
N ASN A 53 -7.29 16.91 -11.40
CA ASN A 53 -7.60 18.14 -12.12
C ASN A 53 -6.60 19.31 -12.02
N GLY A 54 -5.33 19.00 -12.27
CA GLY A 54 -4.27 20.00 -12.29
C GLY A 54 -3.98 20.79 -11.04
N THR A 55 -4.39 20.29 -9.88
CA THR A 55 -4.16 21.02 -8.66
C THR A 55 -4.17 20.10 -7.44
N PRO A 56 -3.36 20.40 -6.41
CA PRO A 56 -3.37 19.54 -5.22
C PRO A 56 -4.71 19.70 -4.51
N GLN A 57 -5.50 18.64 -4.45
CA GLN A 57 -6.80 18.70 -3.78
C GLN A 57 -7.17 17.33 -3.27
N VAL A 58 -7.96 17.29 -2.20
CA VAL A 58 -8.42 16.03 -1.64
C VAL A 58 -9.91 16.13 -1.46
N GLY A 59 -10.64 15.18 -2.04
CA GLY A 59 -12.08 15.14 -1.91
C GLY A 59 -12.40 14.08 -0.87
N GLU A 60 -13.05 12.99 -1.29
CA GLU A 60 -13.36 11.92 -0.33
C GLU A 60 -12.13 11.04 -0.20
N LYS A 61 -11.99 10.42 0.97
CA LYS A 61 -10.85 9.55 1.29
C LYS A 61 -11.31 8.13 1.62
N ALA A 62 -10.59 7.13 1.12
CA ALA A 62 -10.96 5.75 1.43
C ALA A 62 -9.75 4.88 1.71
N VAL A 63 -9.89 4.00 2.69
CA VAL A 63 -8.83 3.07 3.04
C VAL A 63 -9.38 1.68 2.67
N LEU A 64 -8.69 0.98 1.79
CA LEU A 64 -9.12 -0.35 1.37
C LEU A 64 -8.32 -1.43 2.09
N VAL A 65 -9.02 -2.27 2.85
CA VAL A 65 -8.34 -3.31 3.60
C VAL A 65 -8.61 -4.69 2.99
N MET A 66 -7.56 -5.32 2.46
CA MET A 66 -7.62 -6.63 1.83
C MET A 66 -7.35 -7.71 2.87
N CYS A 67 -8.33 -8.58 3.09
CA CYS A 67 -8.22 -9.62 4.09
C CYS A 67 -8.15 -11.00 3.49
N ALA A 68 -7.25 -11.82 4.00
CA ALA A 68 -7.12 -13.18 3.50
C ALA A 68 -6.25 -14.01 4.43
N ASP A 69 -6.41 -15.33 4.35
CA ASP A 69 -5.61 -16.23 5.17
C ASP A 69 -4.55 -16.89 4.29
N HIS A 70 -3.52 -17.41 4.94
CA HIS A 70 -2.37 -17.99 4.27
C HIS A 70 -2.11 -19.42 4.72
N GLY A 71 -1.81 -20.30 3.77
CA GLY A 71 -1.53 -21.68 4.12
C GLY A 71 -0.24 -21.84 4.91
N VAL A 72 0.70 -20.91 4.71
CA VAL A 72 2.00 -20.97 5.39
C VAL A 72 1.85 -20.79 6.89
N TRP A 73 0.66 -20.44 7.35
CA TRP A 73 0.39 -20.30 8.78
C TRP A 73 0.68 -21.64 9.48
N ASP A 74 0.48 -22.74 8.77
CA ASP A 74 0.71 -24.07 9.36
C ASP A 74 2.17 -24.35 9.67
N GLU A 75 3.08 -23.54 9.16
CA GLU A 75 4.51 -23.72 9.38
C GLU A 75 4.97 -23.09 10.71
N GLY A 76 4.01 -22.62 11.50
CA GLY A 76 4.32 -22.02 12.79
C GLY A 76 5.06 -20.70 12.76
N VAL A 77 4.77 -19.87 11.75
CA VAL A 77 5.43 -18.57 11.58
C VAL A 77 4.66 -17.39 12.19
N ALA A 78 3.48 -17.66 12.74
CA ALA A 78 2.63 -16.63 13.36
C ALA A 78 2.15 -17.09 14.73
N VAL A 79 1.98 -16.15 15.65
CA VAL A 79 1.55 -16.50 16.99
C VAL A 79 0.03 -16.40 17.19
N SER A 80 -0.64 -15.59 16.37
CA SER A 80 -2.08 -15.45 16.51
C SER A 80 -2.81 -16.61 15.84
N PRO A 81 -3.91 -17.08 16.43
CA PRO A 81 -4.70 -18.18 15.87
C PRO A 81 -5.22 -17.75 14.50
N LYS A 82 -5.36 -18.68 13.57
CA LYS A 82 -5.82 -18.32 12.23
C LYS A 82 -7.15 -17.58 12.22
N ILE A 83 -8.05 -17.97 13.12
CA ILE A 83 -9.36 -17.36 13.23
C ILE A 83 -9.33 -15.84 13.51
N VAL A 84 -8.23 -15.34 14.06
CA VAL A 84 -8.12 -13.91 14.35
C VAL A 84 -8.35 -13.05 13.08
N THR A 85 -8.05 -13.60 11.91
CA THR A 85 -8.27 -12.83 10.66
C THR A 85 -9.77 -12.54 10.50
N ALA A 86 -10.59 -13.59 10.56
CA ALA A 86 -12.04 -13.46 10.41
C ALA A 86 -12.65 -12.58 11.49
N ILE A 87 -12.15 -12.74 12.72
CA ILE A 87 -12.64 -11.96 13.85
C ILE A 87 -12.35 -10.47 13.64
N GLN A 88 -11.11 -10.15 13.29
CA GLN A 88 -10.74 -8.78 13.06
C GLN A 88 -11.44 -8.19 11.85
N ALA A 89 -11.71 -9.02 10.85
CA ALA A 89 -12.38 -8.53 9.66
C ALA A 89 -13.80 -8.11 10.05
N ALA A 90 -14.40 -8.87 10.96
CA ALA A 90 -15.76 -8.56 11.43
C ALA A 90 -15.70 -7.26 12.25
N ASN A 91 -14.70 -7.15 13.10
CA ASN A 91 -14.56 -5.93 13.90
C ASN A 91 -14.38 -4.70 13.00
N MET A 92 -13.83 -4.89 11.81
CA MET A 92 -13.66 -3.77 10.89
C MET A 92 -15.02 -3.17 10.57
N THR A 93 -16.07 -3.99 10.54
CA THR A 93 -17.41 -3.48 10.22
C THR A 93 -18.02 -2.76 11.41
N ARG A 94 -17.48 -3.01 12.60
CA ARG A 94 -17.98 -2.38 13.80
C ARG A 94 -17.23 -1.12 14.19
N GLY A 95 -16.15 -0.81 13.45
CA GLY A 95 -15.36 0.38 13.69
C GLY A 95 -14.51 0.41 14.95
N THR A 96 -14.19 -0.76 15.48
CA THR A 96 -13.41 -0.84 16.71
C THR A 96 -11.93 -1.10 16.53
N THR A 97 -11.53 -1.38 15.30
CA THR A 97 -10.12 -1.66 15.03
C THR A 97 -9.28 -0.38 14.95
N GLY A 98 -7.96 -0.59 14.97
CA GLY A 98 -7.03 0.52 14.87
C GLY A 98 -7.20 1.36 13.63
N VAL A 99 -7.29 0.74 12.45
CA VAL A 99 -7.44 1.54 11.22
C VAL A 99 -8.79 2.27 11.21
N CYS A 100 -9.84 1.65 11.74
CA CYS A 100 -11.15 2.29 11.77
C CYS A 100 -11.13 3.58 12.57
N VAL A 101 -10.53 3.53 13.75
CA VAL A 101 -10.44 4.70 14.62
C VAL A 101 -9.60 5.83 13.99
N LEU A 102 -8.48 5.48 13.39
CA LEU A 102 -7.62 6.48 12.79
C LEU A 102 -8.22 7.01 11.51
N ALA A 103 -8.93 6.15 10.78
CA ALA A 103 -9.56 6.58 9.53
C ALA A 103 -10.69 7.59 9.87
N ALA A 104 -11.44 7.31 10.93
CA ALA A 104 -12.53 8.20 11.34
C ALA A 104 -11.96 9.55 11.76
N GLN A 105 -10.80 9.51 12.39
CA GLN A 105 -10.15 10.72 12.84
C GLN A 105 -9.75 11.57 11.63
N ALA A 106 -9.39 10.91 10.52
CA ALA A 106 -8.99 11.61 9.29
C ALA A 106 -10.15 11.83 8.32
N GLY A 107 -11.36 11.46 8.72
CA GLY A 107 -12.51 11.65 7.88
C GLY A 107 -12.55 10.73 6.66
N ALA A 108 -11.93 9.55 6.77
CA ALA A 108 -11.91 8.61 5.66
C ALA A 108 -12.82 7.39 5.92
N LYS A 109 -13.31 6.78 4.84
CA LYS A 109 -14.16 5.61 4.95
C LYS A 109 -13.32 4.34 4.73
N VAL A 110 -13.58 3.32 5.55
CA VAL A 110 -12.85 2.07 5.46
C VAL A 110 -13.67 1.05 4.66
N HIS A 111 -13.05 0.49 3.64
CA HIS A 111 -13.69 -0.53 2.82
C HIS A 111 -13.00 -1.85 3.17
N VAL A 112 -13.76 -2.82 3.69
CA VAL A 112 -13.17 -4.10 4.05
C VAL A 112 -13.51 -5.11 2.96
N ILE A 113 -12.47 -5.64 2.34
CA ILE A 113 -12.65 -6.57 1.26
C ILE A 113 -12.07 -7.94 1.59
N ASP A 114 -12.89 -8.98 1.41
CA ASP A 114 -12.46 -10.34 1.67
C ASP A 114 -11.98 -10.94 0.36
N VAL A 115 -10.66 -11.15 0.25
CA VAL A 115 -10.12 -11.73 -0.96
C VAL A 115 -9.72 -13.20 -0.75
N GLY A 116 -9.89 -13.71 0.47
CA GLY A 116 -9.52 -15.10 0.73
C GLY A 116 -9.44 -15.54 2.17
N ILE A 117 -10.39 -15.12 2.99
CA ILE A 117 -10.40 -15.52 4.40
C ILE A 117 -10.88 -16.97 4.49
N ASP A 118 -10.25 -17.77 5.34
CA ASP A 118 -10.59 -19.18 5.51
C ASP A 118 -11.65 -19.29 6.60
N ALA A 119 -12.88 -18.92 6.25
CA ALA A 119 -13.99 -18.93 7.18
C ALA A 119 -15.24 -18.63 6.37
N GLU A 120 -16.41 -18.71 7.01
CA GLU A 120 -17.65 -18.40 6.31
C GLU A 120 -17.69 -16.92 6.00
N PRO A 121 -18.37 -16.54 4.91
CA PRO A 121 -18.48 -15.15 4.51
C PRO A 121 -18.95 -14.27 5.67
N ILE A 122 -18.40 -13.07 5.76
CA ILE A 122 -18.76 -12.14 6.83
C ILE A 122 -19.70 -11.06 6.28
N PRO A 123 -20.90 -10.93 6.86
CA PRO A 123 -21.84 -9.92 6.39
C PRO A 123 -21.22 -8.52 6.53
N GLY A 124 -21.46 -7.64 5.56
CA GLY A 124 -20.91 -6.30 5.63
C GLY A 124 -19.55 -6.17 4.98
N VAL A 125 -18.90 -7.30 4.73
CA VAL A 125 -17.59 -7.30 4.09
C VAL A 125 -17.74 -7.49 2.58
N VAL A 126 -16.98 -6.73 1.79
CA VAL A 126 -17.06 -6.85 0.35
C VAL A 126 -16.52 -8.24 -0.02
N ASN A 127 -17.28 -8.98 -0.81
CA ASN A 127 -16.87 -10.33 -1.18
C ASN A 127 -16.16 -10.43 -2.54
N MET A 128 -14.85 -10.73 -2.48
CA MET A 128 -14.05 -10.95 -3.67
C MET A 128 -13.12 -12.14 -3.40
N ARG A 129 -13.52 -13.04 -2.51
CA ARG A 129 -12.66 -14.17 -2.14
C ARG A 129 -12.32 -15.14 -3.26
N VAL A 130 -11.03 -15.42 -3.39
CA VAL A 130 -10.54 -16.31 -4.41
C VAL A 130 -10.68 -17.75 -3.93
N ALA A 131 -10.29 -17.99 -2.67
CA ALA A 131 -10.40 -19.30 -2.09
C ALA A 131 -10.32 -19.14 -0.58
N ARG A 132 -10.59 -20.22 0.16
CA ARG A 132 -10.52 -20.14 1.61
C ARG A 132 -9.05 -20.28 2.02
N GLY A 133 -8.32 -19.18 1.91
CA GLY A 133 -6.89 -19.18 2.24
C GLY A 133 -6.07 -19.57 1.01
N CYS A 134 -4.86 -19.05 0.89
CA CYS A 134 -4.03 -19.39 -0.27
C CYS A 134 -3.16 -20.60 0.07
N GLY A 135 -2.53 -21.19 -0.94
CA GLY A 135 -1.67 -22.34 -0.70
C GLY A 135 -0.48 -22.00 0.19
N ASN A 136 0.06 -23.02 0.86
CA ASN A 136 1.23 -22.91 1.74
C ASN A 136 2.46 -22.70 0.85
N ILE A 137 3.02 -21.50 0.85
CA ILE A 137 4.17 -21.20 -0.01
C ILE A 137 5.42 -22.00 0.30
N ALA A 138 5.48 -22.65 1.46
CA ALA A 138 6.67 -23.42 1.82
C ALA A 138 6.78 -24.72 1.02
N VAL A 139 5.65 -25.20 0.47
CA VAL A 139 5.66 -26.44 -0.30
C VAL A 139 5.21 -26.26 -1.74
N GLY A 140 4.79 -25.05 -2.10
CA GLY A 140 4.35 -24.80 -3.45
C GLY A 140 3.88 -23.38 -3.61
N PRO A 141 3.24 -23.05 -4.74
CA PRO A 141 2.77 -21.69 -4.96
C PRO A 141 1.53 -21.34 -4.16
N ALA A 142 1.38 -20.05 -3.89
CA ALA A 142 0.23 -19.54 -3.14
C ALA A 142 -1.05 -19.66 -3.99
N MET A 143 -0.90 -19.46 -5.30
CA MET A 143 -2.05 -19.51 -6.21
C MET A 143 -1.54 -19.64 -7.63
N SER A 144 -2.46 -19.76 -8.58
CA SER A 144 -2.06 -19.85 -9.98
C SER A 144 -1.90 -18.45 -10.54
N ARG A 145 -1.15 -18.31 -11.63
CA ARG A 145 -0.95 -17.01 -12.24
C ARG A 145 -2.30 -16.44 -12.64
N LEU A 146 -3.16 -17.29 -13.17
CA LEU A 146 -4.49 -16.86 -13.59
C LEU A 146 -5.25 -16.23 -12.43
N GLN A 147 -5.20 -16.86 -11.26
CA GLN A 147 -5.89 -16.35 -10.09
C GLN A 147 -5.34 -14.98 -9.70
N ALA A 148 -4.03 -14.83 -9.79
CA ALA A 148 -3.40 -13.57 -9.46
C ALA A 148 -3.87 -12.45 -10.40
N GLU A 149 -3.79 -12.69 -11.71
CA GLU A 149 -4.21 -11.68 -12.68
C GLU A 149 -5.67 -11.31 -12.54
N ALA A 150 -6.52 -12.31 -12.28
CA ALA A 150 -7.95 -12.07 -12.14
C ALA A 150 -8.26 -11.15 -10.96
N LEU A 151 -7.61 -11.39 -9.82
CA LEU A 151 -7.83 -10.57 -8.64
C LEU A 151 -7.31 -9.15 -8.89
N LEU A 152 -6.14 -9.04 -9.53
CA LEU A 152 -5.57 -7.74 -9.85
C LEU A 152 -6.59 -6.89 -10.60
N LEU A 153 -7.17 -7.50 -11.64
CA LEU A 153 -8.16 -6.84 -12.47
C LEU A 153 -9.42 -6.43 -11.71
N GLU A 154 -9.94 -7.36 -10.92
CA GLU A 154 -11.14 -7.11 -10.12
C GLU A 154 -10.92 -5.98 -9.11
N VAL A 155 -9.80 -6.02 -8.41
CA VAL A 155 -9.51 -5.00 -7.41
C VAL A 155 -9.25 -3.65 -8.05
N SER A 156 -8.52 -3.64 -9.17
CA SER A 156 -8.22 -2.37 -9.83
C SER A 156 -9.49 -1.71 -10.35
N ARG A 157 -10.44 -2.51 -10.80
CA ARG A 157 -11.70 -1.99 -11.31
C ARG A 157 -12.51 -1.42 -10.14
N TYR A 158 -12.55 -2.15 -9.03
CA TYR A 158 -13.29 -1.69 -7.87
C TYR A 158 -12.74 -0.33 -7.43
N THR A 159 -11.42 -0.26 -7.39
CA THR A 159 -10.73 0.96 -6.98
C THR A 159 -11.04 2.20 -7.83
N CYS A 160 -10.90 2.07 -9.14
CA CYS A 160 -11.13 3.19 -10.03
C CYS A 160 -12.64 3.53 -10.05
N ASP A 161 -13.50 2.55 -9.75
CA ASP A 161 -14.94 2.82 -9.70
C ASP A 161 -15.25 3.78 -8.52
N LEU A 162 -14.55 3.62 -7.40
CA LEU A 162 -14.76 4.51 -6.25
C LEU A 162 -14.43 5.95 -6.65
N ALA A 163 -13.51 6.09 -7.58
CA ALA A 163 -13.12 7.40 -8.05
C ALA A 163 -14.35 8.12 -8.56
N GLN A 164 -15.28 7.37 -9.18
CA GLN A 164 -16.50 7.98 -9.68
C GLN A 164 -17.42 8.42 -8.56
N ARG A 165 -17.16 7.93 -7.35
CA ARG A 165 -17.98 8.28 -6.21
C ARG A 165 -17.41 9.48 -5.45
N GLY A 166 -16.41 10.13 -6.03
CA GLY A 166 -15.82 11.27 -5.35
C GLY A 166 -14.53 11.00 -4.58
N VAL A 167 -14.07 9.75 -4.56
CA VAL A 167 -12.83 9.47 -3.85
C VAL A 167 -11.63 9.97 -4.65
N THR A 168 -10.74 10.73 -4.00
CA THR A 168 -9.55 11.24 -4.67
C THR A 168 -8.26 10.78 -4.01
N LEU A 169 -8.36 10.17 -2.83
CA LEU A 169 -7.18 9.72 -2.11
C LEU A 169 -7.40 8.34 -1.51
N PHE A 170 -6.54 7.41 -1.87
CA PHE A 170 -6.65 6.05 -1.37
C PHE A 170 -5.56 5.71 -0.39
N GLY A 171 -5.89 4.76 0.48
CA GLY A 171 -4.93 4.24 1.45
C GLY A 171 -5.05 2.73 1.32
N VAL A 172 -3.93 2.02 1.43
CA VAL A 172 -3.98 0.57 1.32
C VAL A 172 -3.75 -0.09 2.68
N GLY A 173 -4.39 -1.24 2.87
CA GLY A 173 -4.25 -1.97 4.12
C GLY A 173 -4.52 -3.45 3.91
N GLU A 174 -4.25 -4.24 4.95
CA GLU A 174 -4.44 -5.67 4.91
C GLU A 174 -4.74 -6.24 6.29
N LEU A 175 -5.12 -7.52 6.28
CA LEU A 175 -5.42 -8.27 7.47
C LEU A 175 -5.19 -9.74 7.06
N GLY A 176 -4.32 -10.44 7.78
CA GLY A 176 -4.06 -11.83 7.46
C GLY A 176 -2.95 -12.41 8.32
N MET A 177 -3.32 -13.27 9.26
CA MET A 177 -2.33 -13.87 10.14
C MET A 177 -1.27 -14.58 9.28
N ALA A 178 -0.02 -14.35 9.66
CA ALA A 178 1.14 -14.92 8.97
C ALA A 178 1.53 -14.19 7.67
N ASN A 179 0.85 -13.11 7.32
CA ASN A 179 1.22 -12.46 6.07
C ASN A 179 2.59 -11.76 6.01
N THR A 180 3.27 -11.55 7.14
CA THR A 180 4.60 -10.93 7.06
C THR A 180 5.63 -11.96 6.56
N THR A 181 5.22 -13.22 6.44
CA THR A 181 6.13 -14.23 5.93
C THR A 181 6.22 -14.09 4.40
N PRO A 182 5.08 -14.20 3.67
CA PRO A 182 5.19 -14.05 2.22
C PRO A 182 5.69 -12.62 1.87
N ALA A 183 5.37 -11.65 2.73
CA ALA A 183 5.85 -10.28 2.46
C ALA A 183 7.39 -10.29 2.47
N ALA A 184 7.99 -10.96 3.45
CA ALA A 184 9.44 -11.03 3.54
C ALA A 184 10.02 -11.79 2.35
N ALA A 185 9.33 -12.84 1.92
CA ALA A 185 9.81 -13.61 0.78
C ALA A 185 9.87 -12.70 -0.45
N MET A 186 8.78 -11.98 -0.70
CA MET A 186 8.74 -11.08 -1.84
C MET A 186 9.82 -10.01 -1.78
N VAL A 187 10.01 -9.41 -0.61
CA VAL A 187 11.04 -8.39 -0.46
C VAL A 187 12.42 -9.00 -0.75
N SER A 188 12.67 -10.19 -0.21
CA SER A 188 13.95 -10.84 -0.46
C SER A 188 14.15 -11.03 -1.97
N VAL A 189 13.14 -11.57 -2.65
CA VAL A 189 13.21 -11.79 -4.10
C VAL A 189 13.39 -10.51 -4.93
N PHE A 190 12.59 -9.50 -4.68
CA PHE A 190 12.71 -8.26 -5.44
C PHE A 190 13.98 -7.44 -5.17
N THR A 191 14.48 -7.50 -3.94
CA THR A 191 15.65 -6.71 -3.59
C THR A 191 16.95 -7.49 -3.69
N GLY A 192 16.85 -8.82 -3.74
CA GLY A 192 18.05 -9.64 -3.81
C GLY A 192 18.72 -9.72 -2.45
N SER A 193 17.97 -9.45 -1.39
CA SER A 193 18.51 -9.52 -0.03
C SER A 193 18.28 -10.89 0.57
N ASP A 194 19.17 -11.30 1.47
CA ASP A 194 18.99 -12.60 2.10
C ASP A 194 17.80 -12.54 3.06
N ALA A 195 17.10 -13.67 3.17
CA ALA A 195 15.94 -13.76 4.03
C ALA A 195 16.19 -13.28 5.47
N LYS A 196 17.36 -13.57 6.01
CA LYS A 196 17.66 -13.18 7.38
C LYS A 196 17.62 -11.67 7.56
N GLU A 197 17.99 -10.93 6.52
CA GLU A 197 18.00 -9.48 6.60
C GLU A 197 16.63 -8.82 6.47
N VAL A 198 15.62 -9.57 6.01
CA VAL A 198 14.30 -8.99 5.84
C VAL A 198 13.17 -9.67 6.56
N VAL A 199 13.48 -10.66 7.39
CA VAL A 199 12.45 -11.35 8.15
C VAL A 199 12.35 -10.76 9.55
N GLY A 200 11.18 -10.23 9.91
CA GLY A 200 10.99 -9.62 11.22
C GLY A 200 10.10 -10.40 12.17
N ILE A 201 9.76 -9.79 13.31
CA ILE A 201 8.92 -10.47 14.29
C ILE A 201 7.42 -10.38 13.98
N GLY A 202 7.06 -9.73 12.88
CA GLY A 202 5.64 -9.62 12.53
C GLY A 202 4.83 -9.20 13.75
N ALA A 203 3.74 -9.89 14.04
CA ALA A 203 2.90 -9.54 15.18
C ALA A 203 3.41 -10.22 16.45
N ASN A 204 4.50 -9.68 16.99
CA ASN A 204 5.10 -10.21 18.22
C ASN A 204 5.55 -11.68 18.17
N LEU A 205 6.14 -12.09 17.07
CA LEU A 205 6.63 -13.46 17.02
C LEU A 205 7.81 -13.56 18.00
N PRO A 206 7.81 -14.58 18.88
CA PRO A 206 8.92 -14.74 19.85
C PRO A 206 10.25 -14.83 19.12
N PRO A 207 11.30 -14.20 19.66
CA PRO A 207 12.62 -14.24 19.02
C PRO A 207 13.16 -15.66 18.85
N SER A 208 12.73 -16.57 19.70
CA SER A 208 13.21 -17.95 19.61
C SER A 208 12.61 -18.67 18.41
N ARG A 209 11.53 -18.13 17.87
CA ARG A 209 10.85 -18.73 16.72
C ARG A 209 11.22 -18.09 15.38
N ILE A 210 12.11 -17.10 15.41
CA ILE A 210 12.54 -16.39 14.20
C ILE A 210 13.29 -17.26 13.20
N ASP A 211 14.18 -18.10 13.71
CA ASP A 211 14.98 -18.99 12.86
C ASP A 211 14.10 -19.83 11.95
N ASN A 212 13.02 -20.37 12.52
CA ASN A 212 12.11 -21.17 11.73
C ASN A 212 11.48 -20.32 10.63
N LYS A 213 11.15 -19.07 10.96
CA LYS A 213 10.52 -18.18 9.97
C LYS A 213 11.47 -17.93 8.80
N VAL A 214 12.74 -17.69 9.11
CA VAL A 214 13.74 -17.46 8.06
C VAL A 214 13.86 -18.68 7.16
N ASP A 215 13.89 -19.86 7.78
CA ASP A 215 13.98 -21.13 7.03
C ASP A 215 12.78 -21.32 6.09
N VAL A 216 11.58 -21.04 6.59
CA VAL A 216 10.36 -21.16 5.79
C VAL A 216 10.46 -20.25 4.56
N VAL A 217 10.89 -19.01 4.76
CA VAL A 217 11.04 -18.06 3.65
C VAL A 217 12.01 -18.61 2.60
N ARG A 218 13.14 -19.14 3.06
CA ARG A 218 14.14 -19.68 2.12
C ARG A 218 13.57 -20.85 1.33
N ARG A 219 12.86 -21.74 2.02
CA ARG A 219 12.24 -22.91 1.39
C ARG A 219 11.25 -22.50 0.33
N ALA A 220 10.42 -21.51 0.65
CA ALA A 220 9.42 -21.02 -0.29
C ALA A 220 10.08 -20.55 -1.57
N ILE A 221 11.16 -19.80 -1.41
CA ILE A 221 11.87 -19.28 -2.57
C ILE A 221 12.53 -20.40 -3.40
N ALA A 222 13.27 -21.26 -2.74
CA ALA A 222 13.96 -22.36 -3.41
C ALA A 222 12.98 -23.29 -4.15
N ILE A 223 11.86 -23.60 -3.52
CA ILE A 223 10.91 -24.50 -4.15
C ILE A 223 10.13 -23.88 -5.30
N ASN A 224 9.75 -22.60 -5.16
CA ASN A 224 8.97 -21.93 -6.19
C ASN A 224 9.76 -21.25 -7.28
N GLN A 225 10.99 -20.87 -6.98
CA GLN A 225 11.82 -20.20 -7.98
C GLN A 225 11.11 -19.06 -8.68
N PRO A 226 10.62 -18.07 -7.91
CA PRO A 226 9.92 -16.94 -8.52
C PRO A 226 10.88 -16.06 -9.32
N ASN A 227 10.39 -15.56 -10.46
CA ASN A 227 11.20 -14.70 -11.34
C ASN A 227 11.09 -13.25 -10.89
N PRO A 228 12.19 -12.67 -10.38
CA PRO A 228 12.27 -11.29 -9.89
C PRO A 228 11.86 -10.25 -10.93
N ARG A 229 12.00 -10.59 -12.21
CA ARG A 229 11.67 -9.66 -13.27
C ARG A 229 10.19 -9.73 -13.66
N ASP A 230 9.44 -10.64 -13.03
CA ASP A 230 8.02 -10.80 -13.33
C ASP A 230 7.25 -10.66 -12.01
N GLY A 231 6.72 -9.47 -11.76
CA GLY A 231 5.99 -9.22 -10.53
C GLY A 231 4.79 -10.12 -10.32
N ILE A 232 4.09 -10.46 -11.39
CA ILE A 232 2.93 -11.33 -11.24
C ILE A 232 3.41 -12.73 -10.87
N ASP A 233 4.57 -13.12 -11.40
CA ASP A 233 5.10 -14.45 -11.07
C ASP A 233 5.44 -14.52 -9.59
N VAL A 234 6.08 -13.48 -9.08
CA VAL A 234 6.45 -13.46 -7.68
C VAL A 234 5.21 -13.47 -6.77
N LEU A 235 4.24 -12.61 -7.07
CA LEU A 235 3.03 -12.55 -6.26
C LEU A 235 2.28 -13.88 -6.21
N SER A 236 2.11 -14.51 -7.35
CA SER A 236 1.36 -15.76 -7.37
C SER A 236 2.12 -16.90 -6.70
N LYS A 237 3.44 -16.86 -6.75
CA LYS A 237 4.24 -17.93 -6.15
C LYS A 237 4.54 -17.83 -4.66
N VAL A 238 5.00 -16.67 -4.22
CA VAL A 238 5.35 -16.54 -2.81
C VAL A 238 4.61 -15.41 -2.10
N GLY A 239 3.54 -14.92 -2.73
CA GLY A 239 2.75 -13.87 -2.12
C GLY A 239 1.49 -14.43 -1.44
N GLY A 240 0.40 -13.67 -1.51
CA GLY A 240 -0.87 -14.08 -0.91
C GLY A 240 -2.01 -13.26 -1.54
N PHE A 241 -3.27 -13.66 -1.33
CA PHE A 241 -4.41 -12.95 -1.92
C PHE A 241 -4.44 -11.51 -1.44
N ASP A 242 -4.20 -11.30 -0.15
CA ASP A 242 -4.20 -9.95 0.41
C ASP A 242 -3.13 -9.09 -0.26
N LEU A 243 -1.92 -9.63 -0.38
CA LEU A 243 -0.82 -8.89 -1.01
C LEU A 243 -1.18 -8.54 -2.46
N VAL A 244 -1.77 -9.51 -3.17
CA VAL A 244 -2.19 -9.27 -4.54
C VAL A 244 -3.22 -8.14 -4.58
N GLY A 245 -4.20 -8.20 -3.68
CA GLY A 245 -5.22 -7.17 -3.64
C GLY A 245 -4.64 -5.77 -3.43
N MET A 246 -3.64 -5.65 -2.55
CA MET A 246 -3.03 -4.35 -2.31
C MET A 246 -2.36 -3.82 -3.59
N THR A 247 -1.70 -4.72 -4.30
CA THR A 247 -1.06 -4.38 -5.57
C THR A 247 -2.14 -3.87 -6.54
N GLY A 248 -3.29 -4.52 -6.53
CA GLY A 248 -4.38 -4.12 -7.39
C GLY A 248 -4.92 -2.72 -7.11
N VAL A 249 -4.95 -2.33 -5.84
CA VAL A 249 -5.42 -0.99 -5.50
C VAL A 249 -4.44 0.03 -6.09
N MET A 250 -3.15 -0.26 -5.98
CA MET A 250 -2.12 0.61 -6.52
C MET A 250 -2.23 0.73 -8.04
N LEU A 251 -2.43 -0.39 -8.73
CA LEU A 251 -2.58 -0.31 -10.19
C LEU A 251 -3.87 0.42 -10.54
N GLY A 252 -4.94 0.14 -9.79
CA GLY A 252 -6.20 0.79 -10.06
C GLY A 252 -6.15 2.30 -9.89
N ALA A 253 -5.61 2.76 -8.77
CA ALA A 253 -5.52 4.19 -8.51
C ALA A 253 -4.65 4.87 -9.56
N ALA A 254 -3.54 4.23 -9.91
CA ALA A 254 -2.64 4.79 -10.91
C ALA A 254 -3.34 4.93 -12.26
N ARG A 255 -4.12 3.91 -12.64
CA ARG A 255 -4.86 3.93 -13.90
C ARG A 255 -5.90 5.06 -13.86
N CYS A 256 -6.43 5.30 -12.67
CA CYS A 256 -7.41 6.34 -12.41
C CYS A 256 -6.73 7.71 -12.29
N GLY A 257 -5.40 7.70 -12.31
CA GLY A 257 -4.62 8.92 -12.18
C GLY A 257 -4.73 9.54 -10.80
N LEU A 258 -4.91 8.71 -9.77
CA LEU A 258 -5.06 9.22 -8.40
C LEU A 258 -3.99 8.74 -7.43
N PRO A 259 -3.78 9.48 -6.32
CA PRO A 259 -2.77 9.10 -5.33
C PRO A 259 -3.18 7.97 -4.40
N VAL A 260 -2.18 7.21 -3.97
CA VAL A 260 -2.36 6.09 -3.05
C VAL A 260 -1.36 6.20 -1.93
N LEU A 261 -1.84 6.14 -0.70
CA LEU A 261 -0.95 6.17 0.46
C LEU A 261 -0.57 4.73 0.84
N LEU A 262 0.74 4.46 0.91
CA LEU A 262 1.24 3.16 1.32
C LEU A 262 1.03 3.12 2.82
N ASP A 263 1.14 1.93 3.42
CA ASP A 263 0.99 1.77 4.86
C ASP A 263 2.35 1.31 5.39
N GLY A 264 2.44 0.07 5.82
CA GLY A 264 3.69 -0.46 6.34
C GLY A 264 4.37 -1.55 5.53
N PHE A 265 5.05 -2.47 6.22
CA PHE A 265 5.82 -3.55 5.58
C PHE A 265 5.08 -4.36 4.51
N LEU A 266 3.85 -4.79 4.79
CA LEU A 266 3.10 -5.56 3.81
C LEU A 266 2.89 -4.73 2.55
N SER A 267 2.56 -3.45 2.74
CA SER A 267 2.33 -2.56 1.61
C SER A 267 3.61 -2.33 0.82
N TYR A 268 4.76 -2.30 1.48
CA TYR A 268 6.03 -2.12 0.76
C TYR A 268 6.24 -3.32 -0.18
N SER A 269 5.89 -4.51 0.27
CA SER A 269 6.11 -5.66 -0.60
C SER A 269 5.16 -5.58 -1.79
N ALA A 270 3.92 -5.15 -1.56
CA ALA A 270 2.96 -5.02 -2.66
C ALA A 270 3.39 -3.91 -3.64
N ALA A 271 3.99 -2.85 -3.11
CA ALA A 271 4.44 -1.73 -3.94
C ALA A 271 5.65 -2.16 -4.80
N LEU A 272 6.50 -3.00 -4.25
CA LEU A 272 7.66 -3.49 -5.03
C LEU A 272 7.11 -4.26 -6.24
N ALA A 273 6.11 -5.10 -6.00
CA ALA A 273 5.49 -5.88 -7.07
C ALA A 273 4.81 -4.99 -8.11
N ALA A 274 4.05 -4.01 -7.64
CA ALA A 274 3.34 -3.09 -8.55
C ALA A 274 4.30 -2.33 -9.46
N CYS A 275 5.39 -1.83 -8.89
CA CYS A 275 6.36 -1.07 -9.67
C CYS A 275 7.12 -1.95 -10.64
N GLN A 276 7.22 -3.24 -10.33
CA GLN A 276 7.91 -4.16 -11.21
C GLN A 276 6.99 -4.42 -12.41
N ILE A 277 5.71 -4.64 -12.11
CA ILE A 277 4.70 -4.88 -13.11
C ILE A 277 4.51 -3.69 -14.04
N ALA A 278 4.52 -2.48 -13.45
CA ALA A 278 4.32 -1.27 -14.23
C ALA A 278 5.00 -0.12 -13.54
N PRO A 279 6.18 0.29 -14.04
CA PRO A 279 6.96 1.41 -13.47
C PRO A 279 6.15 2.70 -13.42
N ALA A 280 5.19 2.83 -14.33
CA ALA A 280 4.34 4.01 -14.40
C ALA A 280 3.51 4.21 -13.14
N VAL A 281 3.44 3.19 -12.29
CA VAL A 281 2.66 3.34 -11.06
C VAL A 281 3.36 4.22 -10.02
N ARG A 282 4.69 4.19 -10.02
CA ARG A 282 5.52 4.90 -9.05
C ARG A 282 5.16 6.34 -8.69
N PRO A 283 4.92 7.19 -9.70
CA PRO A 283 4.57 8.59 -9.48
C PRO A 283 3.30 8.82 -8.62
N TYR A 284 2.46 7.80 -8.51
CA TYR A 284 1.21 7.92 -7.75
C TYR A 284 1.29 7.42 -6.30
N LEU A 285 2.40 6.78 -5.96
CA LEU A 285 2.62 6.22 -4.63
C LEU A 285 3.11 7.29 -3.65
N ILE A 286 2.55 7.30 -2.45
CA ILE A 286 2.95 8.26 -1.43
C ILE A 286 3.24 7.48 -0.16
N PRO A 287 4.46 7.62 0.38
CA PRO A 287 4.80 6.90 1.60
C PRO A 287 4.09 7.52 2.81
N SER A 288 3.84 6.73 3.85
CA SER A 288 3.22 7.27 5.04
C SER A 288 4.22 7.20 6.21
N HIS A 289 4.39 6.03 6.80
CA HIS A 289 5.28 5.87 7.94
C HIS A 289 6.39 4.85 7.70
N PHE A 290 7.33 4.80 8.63
CA PHE A 290 8.48 3.90 8.55
C PHE A 290 8.23 2.75 9.51
N SER A 291 7.75 1.63 8.97
CA SER A 291 7.46 0.42 9.75
C SER A 291 8.62 -0.04 10.64
N ALA A 292 8.27 -0.57 11.82
CA ALA A 292 9.27 -1.09 12.77
C ALA A 292 9.71 -2.50 12.38
N GLU A 293 9.16 -3.04 11.32
CA GLU A 293 9.54 -4.36 10.84
C GLU A 293 11.01 -4.32 10.34
N LYS A 294 11.77 -5.36 10.67
CA LYS A 294 13.18 -5.44 10.29
C LYS A 294 13.51 -5.10 8.83
N GLY A 295 12.79 -5.72 7.88
CA GLY A 295 13.05 -5.47 6.47
C GLY A 295 12.53 -4.17 5.87
N ALA A 296 11.99 -3.28 6.71
CA ALA A 296 11.48 -2.00 6.22
C ALA A 296 12.52 -1.15 5.49
N ARG A 297 13.67 -0.91 6.13
CA ARG A 297 14.72 -0.09 5.51
C ARG A 297 15.09 -0.55 4.10
N ILE A 298 15.32 -1.85 3.96
CA ILE A 298 15.70 -2.42 2.66
C ILE A 298 14.62 -2.21 1.62
N ALA A 299 13.38 -2.50 2.00
CA ALA A 299 12.25 -2.34 1.08
C ALA A 299 12.12 -0.89 0.60
N LEU A 300 12.15 0.04 1.55
CA LEU A 300 12.02 1.46 1.25
C LEU A 300 13.15 1.97 0.37
N ALA A 301 14.35 1.43 0.58
CA ALA A 301 15.51 1.84 -0.22
C ALA A 301 15.31 1.46 -1.69
N HIS A 302 14.79 0.26 -1.93
CA HIS A 302 14.57 -0.15 -3.30
C HIS A 302 13.42 0.59 -3.97
N LEU A 303 12.53 1.17 -3.17
CA LEU A 303 11.40 1.95 -3.70
C LEU A 303 11.78 3.43 -3.74
N SER A 304 12.98 3.73 -3.24
CA SER A 304 13.49 5.10 -3.19
C SER A 304 12.47 5.99 -2.50
N MET A 305 11.97 5.54 -1.35
CA MET A 305 10.98 6.33 -0.62
C MET A 305 11.44 6.63 0.78
N GLU A 306 11.12 7.83 1.25
CA GLU A 306 11.46 8.24 2.60
C GLU A 306 10.15 8.62 3.31
N PRO A 307 9.65 7.75 4.20
CA PRO A 307 8.41 8.02 4.92
C PRO A 307 8.43 9.36 5.66
N TYR A 308 7.25 9.95 5.84
CA TYR A 308 7.13 11.20 6.55
C TYR A 308 7.05 10.98 8.07
N LEU A 309 6.48 9.85 8.46
CA LEU A 309 6.27 9.53 9.86
C LEU A 309 7.12 8.42 10.42
N HIS A 310 7.74 8.71 11.56
CA HIS A 310 8.56 7.73 12.28
C HIS A 310 7.85 7.48 13.60
N MET A 311 6.94 6.51 13.61
CA MET A 311 6.15 6.19 14.80
C MET A 311 6.42 4.80 15.38
N ALA A 312 7.40 4.09 14.83
CA ALA A 312 7.72 2.72 15.26
C ALA A 312 6.46 1.86 15.22
N MET A 313 5.55 2.17 14.29
CA MET A 313 4.31 1.40 14.16
C MET A 313 4.50 0.10 13.40
N ARG A 314 3.71 -0.89 13.79
CA ARG A 314 3.78 -2.21 13.17
C ARG A 314 2.45 -2.98 13.35
N LEU A 315 1.34 -2.27 13.17
CA LEU A 315 0.03 -2.87 13.29
C LEU A 315 -0.53 -3.35 11.95
N GLY A 316 -0.27 -2.60 10.89
CA GLY A 316 -0.81 -2.95 9.60
C GLY A 316 -2.24 -2.41 9.54
N GLU A 317 -3.09 -3.04 8.72
CA GLU A 317 -4.50 -2.66 8.56
C GLU A 317 -4.74 -1.36 7.77
N GLY A 318 -3.65 -0.67 7.46
CA GLY A 318 -3.76 0.60 6.76
C GLY A 318 -3.80 1.72 7.79
N SER A 319 -3.41 1.39 9.02
CA SER A 319 -3.41 2.35 10.12
C SER A 319 -2.44 3.51 9.89
N GLY A 320 -1.29 3.22 9.28
CA GLY A 320 -0.31 4.24 8.98
C GLY A 320 -0.76 5.14 7.85
N ALA A 321 -1.44 4.55 6.88
CA ALA A 321 -1.95 5.31 5.75
C ALA A 321 -2.97 6.35 6.21
N ALA A 322 -3.87 5.95 7.11
CA ALA A 322 -4.89 6.85 7.62
C ALA A 322 -4.24 7.99 8.40
N LEU A 323 -3.23 7.66 9.18
CA LEU A 323 -2.52 8.63 10.00
C LEU A 323 -1.84 9.71 9.15
N ALA A 324 -1.47 9.39 7.91
CA ALA A 324 -0.82 10.36 7.03
C ALA A 324 -1.76 11.22 6.19
N MET A 325 -3.03 10.86 6.11
CA MET A 325 -3.96 11.65 5.30
C MET A 325 -3.96 13.14 5.65
N PRO A 326 -3.92 13.48 6.96
CA PRO A 326 -3.91 14.90 7.35
C PRO A 326 -2.71 15.63 6.73
N ILE A 327 -1.62 14.90 6.52
CA ILE A 327 -0.43 15.51 5.92
C ILE A 327 -0.70 15.87 4.46
N VAL A 328 -1.40 14.99 3.73
CA VAL A 328 -1.72 15.28 2.33
C VAL A 328 -2.65 16.50 2.27
N GLU A 329 -3.62 16.55 3.18
CA GLU A 329 -4.53 17.68 3.22
C GLU A 329 -3.80 18.97 3.59
N ALA A 330 -2.76 18.86 4.41
CA ALA A 330 -1.99 20.03 4.81
C ALA A 330 -1.28 20.65 3.61
N ALA A 331 -0.77 19.79 2.72
CA ALA A 331 -0.09 20.26 1.52
C ALA A 331 -1.06 21.03 0.63
N CYS A 332 -2.30 20.55 0.58
CA CYS A 332 -3.31 21.19 -0.23
C CYS A 332 -3.68 22.52 0.38
N ALA A 333 -3.84 22.55 1.71
CA ALA A 333 -4.20 23.76 2.43
C ALA A 333 -3.13 24.84 2.21
N MET A 334 -1.86 24.42 2.30
CA MET A 334 -0.75 25.34 2.09
C MET A 334 -0.88 25.98 0.72
N PHE A 335 -1.03 25.14 -0.29
CA PHE A 335 -1.16 25.56 -1.67
C PHE A 335 -2.28 26.55 -1.94
N HIS A 336 -3.48 26.24 -1.46
CA HIS A 336 -4.64 27.07 -1.71
C HIS A 336 -4.92 28.22 -0.77
N ASN A 337 -4.51 28.10 0.48
CA ASN A 337 -4.84 29.11 1.46
C ASN A 337 -3.79 30.13 1.84
N MET A 338 -2.52 29.88 1.55
CA MET A 338 -1.50 30.88 1.91
C MET A 338 -1.56 32.11 1.03
N GLY A 339 -1.13 33.22 1.59
CA GLY A 339 -1.08 34.46 0.86
C GLY A 339 0.16 34.48 -0.01
N GLU A 340 0.33 35.54 -0.80
CA GLU A 340 1.48 35.64 -1.69
C GLU A 340 2.41 36.79 -1.35
N LEU A 341 3.70 36.58 -1.60
CA LEU A 341 4.71 37.58 -1.33
C LEU A 341 4.47 38.92 -2.03
N ALA A 342 4.10 38.84 -3.31
CA ALA A 342 3.84 40.05 -4.09
C ALA A 342 2.80 40.93 -3.44
N ALA A 343 1.78 40.31 -2.87
CA ALA A 343 0.70 41.04 -2.22
C ALA A 343 1.17 41.87 -1.02
N SER A 344 2.29 41.47 -0.42
CA SER A 344 2.84 42.19 0.73
C SER A 344 4.07 43.02 0.33
N ASN A 345 4.35 43.07 -0.97
CA ASN A 345 5.49 43.81 -1.47
C ASN A 345 6.82 43.29 -0.93
N ILE A 346 6.81 42.06 -0.43
CA ILE A 346 8.02 41.45 0.11
C ILE A 346 8.78 40.74 -1.00
N VAL A 347 10.10 40.87 -0.99
CA VAL A 347 10.96 40.24 -1.98
C VAL A 347 12.04 39.43 -1.26
N LEU A 348 12.09 38.13 -1.54
CA LEU A 348 13.06 37.23 -0.92
C LEU A 348 13.73 36.36 -1.99
N PRO A 349 15.07 36.42 -2.07
CA PRO A 349 15.83 35.62 -3.05
C PRO A 349 15.80 34.12 -2.73
#